data_7KCG
#
_entry.id   7KCG
#
_cell.length_a   34.800
_cell.length_b   59.680
_cell.length_c   85.440
_cell.angle_alpha   90.000
_cell.angle_beta   90.000
_cell.angle_gamma   90.000
#
_symmetry.space_group_name_H-M   'P 21 21 21'
#
loop_
_entity.id
_entity.type
_entity.pdbx_description
1 polymer '16 kDa salivary peptide'
2 non-polymer 'FORMIC ACID'
3 water water
#
_entity_poly.entity_id   1
_entity_poly.type   'polypeptide(L)'
_entity_poly.pdbx_seq_one_letter_code
;HMLAADVPTGCVTIKNRHEGRYLAHSISTHDADRRHVSFCTDPQRWTITAEGTNFRIRNNKHGEELFESQQKFNGNYVFL
WIKKSLINDGGASWKITESGNPGYFHIKNVKFSHCLFTQGGTDWVAAYESCDTAKYEWRIVKC
;
_entity_poly.pdbx_strand_id   A
#
# COMPACT_ATOMS: atom_id res chain seq x y z
N HIS A 1 13.89 0.61 -23.54
CA HIS A 1 13.02 0.98 -22.40
C HIS A 1 13.33 0.17 -21.17
N MET A 2 13.70 0.82 -20.07
CA MET A 2 14.02 0.11 -18.81
C MET A 2 12.95 0.33 -17.72
N LEU A 3 12.05 1.30 -17.84
CA LEU A 3 10.97 1.41 -16.82
C LEU A 3 9.78 0.53 -17.20
N ALA A 4 8.85 0.39 -16.27
CA ALA A 4 7.66 -0.45 -16.52
C ALA A 4 6.45 0.47 -16.63
N ALA A 5 6.03 0.76 -17.85
CA ALA A 5 4.90 1.69 -18.05
C ALA A 5 3.71 1.09 -17.30
N ASP A 6 3.49 -0.19 -17.50
CA ASP A 6 2.34 -0.86 -16.86
C ASP A 6 2.64 -1.13 -15.38
N VAL A 7 1.58 -1.24 -14.58
CA VAL A 7 1.76 -1.49 -13.15
C VAL A 7 2.45 -2.86 -12.97
N PRO A 8 3.61 -3.00 -12.29
CA PRO A 8 4.20 -4.33 -12.13
C PRO A 8 3.31 -5.25 -11.31
N THR A 9 3.18 -6.48 -11.77
CA THR A 9 2.39 -7.47 -11.06
C THR A 9 3.28 -8.60 -10.57
N GLY A 10 2.73 -9.39 -9.65
CA GLY A 10 3.51 -10.41 -8.98
C GLY A 10 4.36 -9.84 -7.86
N CYS A 11 5.60 -10.30 -7.76
CA CYS A 11 6.48 -9.91 -6.68
C CYS A 11 7.04 -8.52 -6.94
N VAL A 12 6.85 -7.61 -5.99
CA VAL A 12 7.29 -6.22 -6.11
C VAL A 12 7.86 -5.73 -4.80
N THR A 13 8.59 -4.61 -4.87
CA THR A 13 8.87 -3.78 -3.72
C THR A 13 8.18 -2.44 -3.87
N ILE A 14 7.91 -1.80 -2.73
CA ILE A 14 7.04 -0.63 -2.66
C ILE A 14 7.72 0.38 -1.75
N LYS A 15 8.12 1.52 -2.30
CA LYS A 15 8.95 2.49 -1.59
C LYS A 15 8.31 3.88 -1.71
N ASN A 16 8.18 4.56 -0.58
CA ASN A 16 7.56 5.89 -0.58
C ASN A 16 8.57 6.92 -1.04
N ARG A 17 8.11 7.88 -1.85
CA ARG A 17 9.05 8.80 -2.47
C ARG A 17 9.57 9.82 -1.47
N HIS A 18 8.69 10.37 -0.63
CA HIS A 18 9.12 11.37 0.35
C HIS A 18 9.99 10.72 1.43
N GLU A 19 9.47 9.68 2.07
CA GLU A 19 10.16 9.11 3.23
C GLU A 19 11.40 8.34 2.81
N GLY A 20 11.40 7.74 1.63
CA GLY A 20 12.56 7.01 1.15
C GLY A 20 12.76 5.64 1.75
N ARG A 21 11.74 5.04 2.36
CA ARG A 21 11.83 3.70 2.90
C ARG A 21 10.74 2.81 2.31
N TYR A 22 10.88 1.50 2.55
CA TYR A 22 10.04 0.50 1.94
C TYR A 22 8.83 0.17 2.80
N LEU A 23 7.67 0.07 2.16
CA LEU A 23 6.48 -0.40 2.87
C LEU A 23 6.72 -1.81 3.38
N ALA A 24 6.26 -2.09 4.60
CA ALA A 24 6.56 -3.37 5.22
C ALA A 24 5.46 -3.71 6.22
N HIS A 25 5.40 -4.99 6.58
CA HIS A 25 4.59 -5.40 7.72
C HIS A 25 5.18 -4.82 9.00
N SER A 26 4.36 -4.79 10.04
CA SER A 26 4.81 -4.34 11.36
C SER A 26 4.88 -5.53 12.32
N ILE A 27 5.68 -5.35 13.37
CA ILE A 27 5.70 -6.31 14.47
C ILE A 27 4.47 -6.15 15.35
N SER A 28 3.76 -5.03 15.23
CA SER A 28 2.63 -4.72 16.10
C SER A 28 1.30 -5.04 15.43
N THR A 29 0.36 -5.48 16.27
CA THR A 29 -0.98 -5.85 15.78
C THR A 29 -1.97 -4.91 16.43
N HIS A 30 -3.07 -4.56 15.76
CA HIS A 30 -4.15 -3.73 16.36
C HIS A 30 -5.11 -4.72 17.05
N ASP A 31 -5.19 -5.95 16.55
CA ASP A 31 -6.04 -7.02 17.14
C ASP A 31 -5.56 -8.34 16.53
N ALA A 32 -6.31 -9.42 16.69
CA ALA A 32 -5.80 -10.71 16.21
C ALA A 32 -6.22 -10.88 14.76
N ASP A 33 -7.00 -9.93 14.26
CA ASP A 33 -7.45 -9.96 12.86
C ASP A 33 -6.76 -8.86 12.07
N ARG A 34 -6.19 -7.86 12.76
CA ARG A 34 -5.62 -6.69 12.02
C ARG A 34 -4.16 -6.44 12.44
N ARG A 35 -3.22 -6.52 11.51
CA ARG A 35 -1.78 -6.21 11.77
C ARG A 35 -1.45 -4.85 11.16
N HIS A 36 -0.54 -4.11 11.79
CA HIS A 36 -0.25 -2.74 11.32
C HIS A 36 0.75 -2.76 10.18
N VAL A 37 0.89 -1.62 9.50
CA VAL A 37 1.87 -1.51 8.42
C VAL A 37 2.90 -0.45 8.80
N SER A 38 4.11 -0.63 8.28
CA SER A 38 5.20 0.25 8.66
C SER A 38 6.18 0.36 7.49
N PHE A 39 7.38 0.82 7.83
CA PHE A 39 8.45 0.99 6.81
C PHE A 39 9.69 0.26 7.27
N CYS A 40 10.60 -0.01 6.33
CA CYS A 40 11.88 -0.68 6.64
C CYS A 40 12.94 -0.19 5.65
N THR A 41 14.21 -0.19 6.04
CA THR A 41 15.31 0.36 5.21
C THR A 41 15.60 -0.64 4.11
N ASP A 42 15.56 -1.92 4.45
CA ASP A 42 15.85 -2.96 3.46
C ASP A 42 14.56 -3.28 2.67
N PRO A 43 14.66 -3.73 1.42
CA PRO A 43 13.49 -4.02 0.64
C PRO A 43 12.60 -5.13 1.21
N GLN A 44 11.32 -4.84 1.47
CA GLN A 44 10.36 -5.88 1.95
C GLN A 44 9.46 -6.26 0.76
N ARG A 45 9.17 -7.54 0.59
CA ARG A 45 8.45 -8.04 -0.61
C ARG A 45 6.93 -8.06 -0.48
N TRP A 46 6.23 -7.67 -1.54
CA TRP A 46 4.79 -7.74 -1.62
C TRP A 46 4.40 -8.49 -2.89
N THR A 47 3.12 -8.86 -2.99
CA THR A 47 2.59 -9.46 -4.21
C THR A 47 1.40 -8.66 -4.70
N ILE A 48 1.50 -8.16 -5.93
CA ILE A 48 0.43 -7.39 -6.56
C ILE A 48 -0.27 -8.27 -7.59
N THR A 49 -1.59 -8.33 -7.48
CA THR A 49 -2.39 -9.16 -8.39
C THR A 49 -3.46 -8.29 -9.02
N ALA A 50 -3.62 -8.39 -10.33
CA ALA A 50 -4.67 -7.62 -11.02
C ALA A 50 -6.05 -8.15 -10.70
N GLU A 51 -6.99 -7.24 -10.49
CA GLU A 51 -8.41 -7.63 -10.28
C GLU A 51 -9.24 -6.65 -11.13
N GLY A 52 -9.43 -7.00 -12.39
CA GLY A 52 -10.12 -6.08 -13.30
C GLY A 52 -9.23 -4.91 -13.61
N THR A 53 -9.74 -3.70 -13.40
CA THR A 53 -8.94 -2.47 -13.62
C THR A 53 -8.22 -2.14 -12.30
N ASN A 54 -8.43 -2.94 -11.25
CA ASN A 54 -7.87 -2.66 -9.93
C ASN A 54 -6.79 -3.68 -9.60
N PHE A 55 -6.29 -3.60 -8.37
CA PHE A 55 -5.21 -4.46 -7.90
C PHE A 55 -5.44 -4.83 -6.44
N ARG A 56 -5.06 -6.04 -6.09
CA ARG A 56 -4.89 -6.43 -4.69
C ARG A 56 -3.41 -6.44 -4.34
N ILE A 57 -3.11 -6.08 -3.09
CA ILE A 57 -1.75 -5.98 -2.59
C ILE A 57 -1.64 -6.85 -1.34
N ARG A 58 -0.74 -7.81 -1.36
CA ARG A 58 -0.55 -8.79 -0.27
C ARG A 58 0.90 -8.80 0.24
N ASN A 59 1.07 -8.79 1.56
CA ASN A 59 2.39 -8.83 2.21
C ASN A 59 2.90 -10.26 2.11
N ASN A 60 4.01 -10.44 1.39
CA ASN A 60 4.63 -11.73 1.04
C ASN A 60 5.06 -12.55 2.25
N LYS A 61 5.45 -11.87 3.31
CA LYS A 61 6.04 -12.49 4.49
C LYS A 61 4.96 -13.20 5.30
N HIS A 62 3.84 -12.52 5.53
CA HIS A 62 2.72 -13.05 6.29
C HIS A 62 1.55 -13.49 5.42
N GLY A 63 1.55 -13.15 4.13
CA GLY A 63 0.49 -13.54 3.22
C GLY A 63 -0.81 -12.79 3.40
N GLU A 64 -0.76 -11.64 4.08
CA GLU A 64 -1.94 -10.89 4.47
C GLU A 64 -2.23 -9.74 3.52
N GLU A 65 -3.51 -9.50 3.24
CA GLU A 65 -3.92 -8.46 2.31
C GLU A 65 -3.86 -7.09 2.95
N LEU A 66 -3.43 -6.11 2.17
CA LEU A 66 -3.44 -4.72 2.59
C LEU A 66 -4.83 -4.12 2.37
N PHE A 67 -5.39 -3.46 3.39
CA PHE A 67 -6.71 -2.88 3.20
C PHE A 67 -6.87 -1.63 4.07
N GLU A 68 -7.84 -0.80 3.70
CA GLU A 68 -8.16 0.39 4.46
C GLU A 68 -9.43 0.14 5.27
N SER A 69 -9.43 0.59 6.52
CA SER A 69 -10.44 0.22 7.50
C SER A 69 -11.46 1.33 7.71
N GLN A 70 -12.64 0.93 8.18
CA GLN A 70 -13.62 1.91 8.65
C GLN A 70 -13.12 2.65 9.88
N GLN A 71 -12.38 1.94 10.71
CA GLN A 71 -11.86 2.50 11.98
C GLN A 71 -10.85 3.60 11.65
N LYS A 72 -10.73 4.57 12.55
CA LYS A 72 -9.87 5.73 12.25
C LYS A 72 -9.23 6.31 13.50
N PHE A 73 -7.94 6.63 13.44
CA PHE A 73 -7.28 7.38 14.53
C PHE A 73 -7.55 8.83 14.15
N ASN A 74 -6.57 9.50 13.56
CA ASN A 74 -6.83 10.83 12.97
C ASN A 74 -7.15 10.46 11.52
N GLY A 75 -6.25 9.69 10.91
CA GLY A 75 -6.53 9.19 9.55
C GLY A 75 -7.20 7.85 9.60
N ASN A 76 -7.76 7.37 8.48
CA ASN A 76 -8.32 6.01 8.43
C ASN A 76 -7.15 5.06 8.53
N TYR A 77 -7.29 4.01 9.32
CA TYR A 77 -6.25 3.00 9.49
C TYR A 77 -6.03 2.24 8.20
N VAL A 78 -4.78 1.83 7.98
CA VAL A 78 -4.41 0.89 6.94
C VAL A 78 -3.83 -0.33 7.63
N PHE A 79 -4.38 -1.51 7.34
CA PHE A 79 -4.04 -2.74 8.05
C PHE A 79 -3.65 -3.85 7.09
N LEU A 80 -2.96 -4.85 7.63
CA LEU A 80 -2.88 -6.18 7.06
C LEU A 80 -3.93 -7.09 7.71
N TRP A 81 -4.62 -7.90 6.91
CA TRP A 81 -5.79 -8.67 7.34
C TRP A 81 -5.34 -10.04 7.84
N ILE A 82 -5.16 -10.23 9.15
CA ILE A 82 -4.59 -11.52 9.67
C ILE A 82 -5.52 -12.72 9.41
N LYS A 83 -6.82 -12.54 9.51
CA LYS A 83 -7.80 -13.64 9.36
C LYS A 83 -7.67 -14.39 8.03
N LYS A 84 -7.33 -13.70 6.94
CA LYS A 84 -7.10 -14.34 5.61
C LYS A 84 -8.41 -14.63 4.86
N SER A 85 -9.54 -14.14 5.37
CA SER A 85 -10.80 -14.22 4.61
C SER A 85 -10.72 -13.19 3.49
N LEU A 86 -11.05 -13.56 2.26
CA LEU A 86 -10.92 -12.60 1.17
C LEU A 86 -11.86 -11.42 1.38
N ILE A 87 -11.32 -10.21 1.28
CA ILE A 87 -12.10 -8.99 1.48
C ILE A 87 -12.75 -8.63 0.15
N ASN A 88 -14.09 -8.55 0.16
CA ASN A 88 -14.88 -8.41 -1.07
C ASN A 88 -15.66 -7.10 -1.13
N ASP A 89 -15.45 -6.17 -0.20
CA ASP A 89 -16.24 -4.95 -0.13
C ASP A 89 -15.52 -3.73 -0.71
N GLY A 90 -14.43 -3.93 -1.45
CA GLY A 90 -13.64 -2.84 -1.98
C GLY A 90 -12.51 -2.38 -1.11
N GLY A 91 -12.50 -2.75 0.17
CA GLY A 91 -11.50 -2.23 1.08
C GLY A 91 -10.10 -2.72 0.78
N ALA A 92 -9.97 -3.90 0.16
CA ALA A 92 -8.67 -4.45 -0.18
C ALA A 92 -8.34 -4.30 -1.65
N SER A 93 -9.13 -3.54 -2.39
CA SER A 93 -8.88 -3.31 -3.81
C SER A 93 -8.34 -1.90 -4.02
N TRP A 94 -7.38 -1.76 -4.93
CA TRP A 94 -6.59 -0.54 -5.06
C TRP A 94 -6.48 -0.10 -6.52
N LYS A 95 -6.70 1.18 -6.78
CA LYS A 95 -6.45 1.73 -8.12
C LYS A 95 -5.04 2.31 -8.13
N ILE A 96 -4.18 1.76 -8.99
CA ILE A 96 -2.76 2.07 -9.03
C ILE A 96 -2.51 2.78 -10.36
N THR A 97 -2.22 4.07 -10.31
CA THR A 97 -2.12 4.91 -11.51
C THR A 97 -0.83 5.71 -11.48
N GLU A 98 -0.38 6.08 -12.65
CA GLU A 98 0.87 6.83 -12.71
C GLU A 98 0.66 8.18 -12.06
N SER A 99 1.63 8.60 -11.27
CA SER A 99 1.69 9.97 -10.79
C SER A 99 2.39 10.83 -11.84
N GLY A 100 2.58 12.12 -11.52
CA GLY A 100 3.26 13.02 -12.43
C GLY A 100 4.76 12.77 -12.56
N ASN A 101 5.34 12.06 -11.60
CA ASN A 101 6.77 11.76 -11.49
C ASN A 101 7.05 10.35 -11.97
N PRO A 102 8.02 10.20 -12.87
CA PRO A 102 8.21 8.92 -13.56
C PRO A 102 8.58 7.79 -12.63
N GLY A 103 7.95 6.64 -12.85
CA GLY A 103 8.15 5.47 -12.01
C GLY A 103 7.39 5.47 -10.69
N TYR A 104 6.77 6.57 -10.30
CA TYR A 104 6.01 6.63 -9.06
C TYR A 104 4.51 6.54 -9.35
N PHE A 105 3.80 5.85 -8.45
CA PHE A 105 2.38 5.64 -8.60
C PHE A 105 1.64 6.17 -7.38
N HIS A 106 0.39 6.55 -7.60
CA HIS A 106 -0.60 6.72 -6.55
C HIS A 106 -1.30 5.39 -6.34
N ILE A 107 -1.54 5.03 -5.08
CA ILE A 107 -2.22 3.79 -4.72
C ILE A 107 -3.49 4.21 -4.00
N LYS A 108 -4.64 4.09 -4.67
CA LYS A 108 -5.88 4.68 -4.18
C LYS A 108 -6.89 3.59 -3.82
N ASN A 109 -7.43 3.66 -2.61
CA ASN A 109 -8.38 2.65 -2.17
C ASN A 109 -9.70 2.77 -2.91
N VAL A 110 -10.23 1.63 -3.39
CA VAL A 110 -11.47 1.65 -4.16
C VAL A 110 -12.64 2.04 -3.26
N LYS A 111 -12.77 1.36 -2.12
CA LYS A 111 -13.89 1.60 -1.23
C LYS A 111 -13.92 3.05 -0.72
N PHE A 112 -12.78 3.55 -0.29
CA PHE A 112 -12.76 4.82 0.44
C PHE A 112 -12.28 6.01 -0.39
N SER A 113 -11.73 5.77 -1.58
CA SER A 113 -11.19 6.82 -2.44
C SER A 113 -10.08 7.61 -1.76
N HIS A 114 -9.19 6.91 -1.06
CA HIS A 114 -8.07 7.51 -0.35
C HIS A 114 -6.76 6.97 -0.89
N CYS A 115 -5.76 7.84 -1.00
CA CYS A 115 -4.45 7.43 -1.48
C CYS A 115 -3.56 7.12 -0.29
N LEU A 116 -2.84 6.00 -0.38
CA LEU A 116 -1.86 5.64 0.63
C LEU A 116 -0.86 6.79 0.80
N PHE A 117 -0.51 7.06 2.05
CA PHE A 117 0.19 8.29 2.39
C PHE A 117 1.03 8.05 3.63
N THR A 118 2.15 8.76 3.73
CA THR A 118 2.88 8.79 4.99
C THR A 118 3.30 10.22 5.29
N GLN A 119 3.41 10.50 6.58
CA GLN A 119 3.73 11.88 7.01
C GLN A 119 5.16 12.25 6.68
N GLY A 120 6.10 11.51 7.21
CA GLY A 120 7.50 11.89 7.03
C GLY A 120 8.28 11.64 8.30
N GLY A 121 9.17 10.65 8.28
CA GLY A 121 9.99 10.32 9.45
C GLY A 121 9.18 9.52 10.44
N THR A 122 7.92 9.26 10.08
CA THR A 122 6.99 8.52 10.96
C THR A 122 6.87 7.12 10.40
N ASP A 123 6.78 6.13 11.27
CA ASP A 123 6.54 4.76 10.85
C ASP A 123 5.06 4.46 10.66
N TRP A 124 4.22 5.49 10.72
CA TRP A 124 2.79 5.33 10.56
C TRP A 124 2.40 5.59 9.11
N VAL A 125 1.51 4.74 8.60
CA VAL A 125 0.97 4.82 7.25
C VAL A 125 -0.51 5.12 7.37
N ALA A 126 -1.04 5.85 6.40
CA ALA A 126 -2.45 6.20 6.38
C ALA A 126 -2.92 6.33 4.94
N ALA A 127 -4.11 6.90 4.76
CA ALA A 127 -4.64 7.18 3.44
C ALA A 127 -5.52 8.41 3.55
N TYR A 128 -5.32 9.36 2.64
CA TYR A 128 -6.11 10.60 2.62
C TYR A 128 -6.51 10.92 1.18
N GLU A 129 -7.41 11.87 0.96
CA GLU A 129 -7.95 12.12 -0.39
C GLU A 129 -7.09 13.05 -1.25
N SER A 130 -6.15 13.78 -0.65
CA SER A 130 -5.40 14.81 -1.42
C SER A 130 -4.65 14.25 -2.63
N CYS A 131 -3.79 13.25 -2.44
CA CYS A 131 -3.10 12.58 -3.58
C CYS A 131 -2.47 13.62 -4.50
N ASP A 132 -1.60 14.47 -3.95
CA ASP A 132 -1.10 15.62 -4.75
C ASP A 132 0.36 15.98 -4.46
N THR A 133 1.00 15.29 -3.52
CA THR A 133 2.39 15.59 -3.17
C THR A 133 3.22 14.30 -3.17
N ALA A 134 4.51 14.45 -2.91
CA ALA A 134 5.40 13.29 -2.88
C ALA A 134 5.06 12.30 -1.78
N LYS A 135 4.36 12.74 -0.73
CA LYS A 135 3.99 11.85 0.36
C LYS A 135 3.04 10.74 -0.08
N TYR A 136 2.36 10.95 -1.21
CA TYR A 136 1.40 10.03 -1.78
C TYR A 136 1.98 9.17 -2.89
N GLU A 137 3.26 9.32 -3.21
CA GLU A 137 3.81 8.74 -4.42
C GLU A 137 4.68 7.54 -4.06
N TRP A 138 4.51 6.46 -4.80
CA TRP A 138 5.13 5.18 -4.46
C TRP A 138 5.84 4.58 -5.66
N ARG A 139 7.08 4.17 -5.45
CA ARG A 139 7.85 3.48 -6.48
C ARG A 139 7.63 1.98 -6.37
N ILE A 140 7.13 1.36 -7.43
CA ILE A 140 6.77 -0.06 -7.44
C ILE A 140 7.66 -0.76 -8.44
N VAL A 141 8.52 -1.66 -7.96
CA VAL A 141 9.51 -2.33 -8.80
C VAL A 141 9.40 -3.84 -8.63
N LYS A 142 9.56 -4.57 -9.74
CA LYS A 142 9.59 -6.03 -9.69
C LYS A 142 10.76 -6.51 -8.84
N CYS A 143 10.56 -7.64 -8.16
CA CYS A 143 11.55 -8.19 -7.25
C CYS A 143 12.84 -8.56 -7.97
#